data_7F43
#
_entry.id   7F43
#
_cell.length_a   45.515
_cell.length_b   68.726
_cell.length_c   160.631
_cell.angle_alpha   90.000
_cell.angle_beta   90.000
_cell.angle_gamma   90.000
#
_symmetry.space_group_name_H-M   'P 21 21 21'
#
loop_
_entity.id
_entity.type
_entity.pdbx_description
1 polymer 'Protein mono-ADP-ribosyltransferase PARP15'
2 non-polymer 2-{4-[(3S)-piperidin-3-yl]phenyl}-2H-indazole-7-carboxamide
3 water water
#
_entity_poly.entity_id   1
_entity_poly.type   'polypeptide(L)'
_entity_poly.pdbx_seq_one_letter_code
;HHNLPEHWTDMNHQLFCMVQLEPGQSEYNTIKDKFTRTCSSYAIEKIERIQNAFLWQSYQVKKRQMDIKNDHKNNERLLF
HGTDADSVPYVNQHGFNRSCAGKNAVSYGKGTYFAVDASYSAKDTYSKPDSNGRKHMYVVRVLTGVFTKGRAGLVTPPPK
NPHNPTDLFDSVTNNTRSPKLFVVFFDNQAYPEYLITFTA
;
_entity_poly.pdbx_strand_id   A,B
#
loop_
_chem_comp.id
_chem_comp.type
_chem_comp.name
_chem_comp.formula
3JD non-polymer 2-{4-[(3S)-piperidin-3-yl]phenyl}-2H-indazole-7-carboxamide 'C19 H20 N4 O'
#
# COMPACT_ATOMS: atom_id res chain seq x y z
N ASN A 3 4.80 13.08 16.22
CA ASN A 3 4.64 11.63 16.16
C ASN A 3 5.94 10.94 15.72
N LEU A 4 7.08 11.61 15.92
CA LEU A 4 8.35 11.14 15.38
C LEU A 4 9.30 10.70 16.49
N PRO A 5 10.26 9.83 16.19
CA PRO A 5 11.12 9.29 17.26
C PRO A 5 12.03 10.35 17.85
N GLU A 6 12.28 10.23 19.15
CA GLU A 6 13.04 11.25 19.87
C GLU A 6 14.52 11.26 19.51
N HIS A 7 15.05 10.17 18.96
CA HIS A 7 16.45 10.11 18.55
C HIS A 7 16.69 10.66 17.16
N TRP A 8 15.66 11.13 16.46
CA TRP A 8 15.91 11.77 15.19
C TRP A 8 16.40 13.19 15.42
N THR A 9 17.18 13.68 14.46
CA THR A 9 17.53 15.09 14.46
C THR A 9 16.28 15.92 14.22
N ASP A 10 16.26 17.10 14.81
CA ASP A 10 15.18 18.03 14.55
C ASP A 10 15.25 18.47 13.09
N MET A 11 14.14 18.31 12.37
CA MET A 11 14.11 18.64 10.96
C MET A 11 13.43 19.97 10.71
N GLN A 14 10.82 20.36 8.10
CA GLN A 14 11.00 19.48 6.94
C GLN A 14 10.51 18.07 7.25
N LEU A 15 10.15 17.32 6.20
CA LEU A 15 9.54 16.01 6.36
C LEU A 15 10.48 14.85 6.04
N PHE A 16 11.67 15.14 5.50
CA PHE A 16 12.60 14.09 5.07
C PHE A 16 14.04 14.55 5.29
N CYS A 17 14.87 13.64 5.80
CA CYS A 17 16.29 13.91 5.97
C CYS A 17 17.05 12.59 5.96
N MET A 18 18.29 12.65 5.47
CA MET A 18 19.29 11.61 5.64
C MET A 18 20.31 12.11 6.64
N VAL A 19 20.64 11.29 7.62
CA VAL A 19 21.52 11.72 8.71
C VAL A 19 22.72 10.79 8.77
N GLN A 20 23.90 11.37 8.55
CA GLN A 20 25.11 10.58 8.53
C GLN A 20 25.53 10.19 9.95
N LEU A 21 25.73 8.90 10.18
CA LEU A 21 26.07 8.38 11.48
C LEU A 21 27.58 8.42 11.67
N GLU A 22 28.00 8.48 12.94
CA GLU A 22 29.44 8.52 13.25
C GLU A 22 29.91 7.16 13.75
N PRO A 23 30.95 6.56 13.16
CA PRO A 23 31.50 5.33 13.75
C PRO A 23 31.88 5.55 15.21
N GLY A 24 31.74 4.49 16.01
CA GLY A 24 31.98 4.58 17.42
C GLY A 24 30.73 4.83 18.24
N GLN A 25 29.73 5.48 17.68
CA GLN A 25 28.43 5.54 18.33
C GLN A 25 27.73 4.18 18.23
N SER A 26 26.95 3.86 19.27
CA SER A 26 26.31 2.54 19.34
C SER A 26 25.40 2.28 18.14
N GLU A 27 24.68 3.30 17.69
CA GLU A 27 23.76 3.13 16.57
C GLU A 27 24.50 2.74 15.30
N TYR A 28 25.63 3.39 15.03
CA TYR A 28 26.43 2.98 13.88
C TYR A 28 27.04 1.60 14.09
N ASN A 29 27.57 1.36 15.28
CA ASN A 29 28.27 0.10 15.53
C ASN A 29 27.33 -1.10 15.43
N THR A 30 26.08 -0.95 15.90
CA THR A 30 25.17 -2.10 15.84
C THR A 30 24.86 -2.48 14.39
N ILE A 31 24.64 -1.49 13.53
CA ILE A 31 24.41 -1.76 12.12
C ILE A 31 25.65 -2.37 11.48
N LYS A 32 26.83 -1.80 11.75
CA LYS A 32 28.04 -2.37 11.13
C LYS A 32 28.24 -3.81 11.55
N ASP A 33 28.04 -4.12 12.84
CA ASP A 33 28.21 -5.49 13.31
C ASP A 33 27.23 -6.45 12.65
N LYS A 34 25.95 -6.04 12.53
CA LYS A 34 24.96 -6.86 11.84
C LYS A 34 25.37 -7.11 10.40
N PHE A 35 25.86 -6.07 9.73
CA PHE A 35 26.37 -6.20 8.36
C PHE A 35 27.59 -7.10 8.30
N THR A 36 28.57 -6.88 9.19
CA THR A 36 29.81 -7.62 9.05
C THR A 36 29.68 -9.07 9.52
N ARG A 37 28.61 -9.41 10.25
CA ARG A 37 28.42 -10.79 10.70
C ARG A 37 28.52 -11.76 9.52
N THR A 38 27.98 -11.37 8.36
CA THR A 38 28.06 -12.21 7.16
C THR A 38 28.73 -11.52 5.97
N CYS A 39 29.15 -10.26 6.10
CA CYS A 39 29.78 -9.56 4.98
C CYS A 39 31.18 -9.08 5.34
N SER A 40 32.01 -9.96 5.91
CA SER A 40 33.31 -9.55 6.42
C SER A 40 34.26 -9.07 5.31
N SER A 41 33.97 -9.37 4.05
CA SER A 41 34.90 -9.05 2.97
C SER A 41 34.66 -7.68 2.34
N TYR A 42 33.54 -7.02 2.63
CA TYR A 42 33.30 -5.67 2.13
C TYR A 42 33.71 -4.66 3.19
N ALA A 43 33.67 -3.38 2.81
CA ALA A 43 33.98 -2.29 3.72
C ALA A 43 32.94 -1.19 3.59
N ILE A 44 32.44 -0.71 4.73
CA ILE A 44 31.38 0.29 4.73
C ILE A 44 31.99 1.65 4.43
N GLU A 45 31.36 2.40 3.52
CA GLU A 45 31.72 3.79 3.34
C GLU A 45 31.01 4.67 4.34
N LYS A 46 29.70 4.52 4.48
CA LYS A 46 28.97 5.35 5.44
C LYS A 46 27.65 4.66 5.71
N ILE A 47 27.05 5.01 6.84
CA ILE A 47 25.72 4.58 7.25
C ILE A 47 24.89 5.81 7.53
N GLU A 48 23.73 5.90 6.87
CA GLU A 48 22.83 7.04 7.02
C GLU A 48 21.50 6.59 7.62
N ARG A 49 21.00 7.39 8.55
CA ARG A 49 19.67 7.19 9.10
C ARG A 49 18.63 7.85 8.19
N ILE A 50 17.66 7.07 7.72
CA ILE A 50 16.55 7.64 6.95
C ILE A 50 15.48 8.16 7.90
N GLN A 51 15.22 9.45 7.82
CA GLN A 51 14.18 10.12 8.60
C GLN A 51 13.09 10.52 7.60
N ASN A 52 12.09 9.66 7.46
CA ASN A 52 11.02 9.95 6.53
C ASN A 52 9.73 9.95 7.34
N ALA A 53 9.26 11.16 7.67
CA ALA A 53 8.16 11.31 8.61
C ALA A 53 6.90 10.62 8.10
N PHE A 54 6.55 10.78 6.82
CA PHE A 54 5.33 10.19 6.29
C PHE A 54 5.42 8.67 6.22
N LEU A 55 6.55 8.14 5.77
CA LEU A 55 6.71 6.69 5.76
C LEU A 55 6.71 6.12 7.16
N TRP A 56 7.28 6.86 8.12
CA TRP A 56 7.28 6.38 9.50
C TRP A 56 5.86 6.32 10.07
N GLN A 57 5.06 7.36 9.81
CA GLN A 57 3.69 7.41 10.33
C GLN A 57 2.87 6.26 9.78
N SER A 58 2.93 6.04 8.48
CA SER A 58 2.13 4.99 7.87
C SER A 58 2.57 3.62 8.36
N TYR A 59 3.89 3.42 8.46
CA TYR A 59 4.41 2.14 8.93
C TYR A 59 4.00 1.88 10.37
N GLN A 60 4.11 2.88 11.24
CA GLN A 60 3.80 2.65 12.65
C GLN A 60 2.31 2.36 12.84
N VAL A 61 1.43 3.06 12.10
CA VAL A 61 0.02 2.71 12.13
C VAL A 61 -0.18 1.25 11.72
N LYS A 62 0.52 0.80 10.67
CA LYS A 62 0.38 -0.59 10.28
C LYS A 62 0.91 -1.55 11.35
N LYS A 63 2.01 -1.17 12.03
CA LYS A 63 2.57 -2.06 13.05
C LYS A 63 1.63 -2.20 14.23
N ARG A 64 1.10 -1.08 14.72
CA ARG A 64 0.10 -1.12 15.77
C ARG A 64 -1.06 -2.01 15.40
N GLN A 65 -1.52 -1.95 14.15
CA GLN A 65 -2.63 -2.79 13.72
C GLN A 65 -2.26 -4.26 13.76
N MET A 66 -1.05 -4.61 13.30
CA MET A 66 -0.64 -6.00 13.31
C MET A 66 -0.45 -6.50 14.73
N ASP A 67 0.11 -5.66 15.61
CA ASP A 67 0.27 -6.06 17.01
C ASP A 67 -1.08 -6.37 17.63
N ILE A 68 -2.11 -5.58 17.33
CA ILE A 68 -3.46 -5.84 17.83
C ILE A 68 -4.01 -7.12 17.22
N LYS A 69 -3.92 -7.25 15.89
CA LYS A 69 -4.52 -8.36 15.17
C LYS A 69 -3.94 -9.69 15.64
N ASN A 70 -2.63 -9.77 15.77
CA ASN A 70 -1.94 -11.00 16.07
C ASN A 70 -1.81 -11.25 17.57
N ASP A 71 -2.13 -10.27 18.41
CA ASP A 71 -2.17 -10.39 19.87
C ASP A 71 -0.80 -10.74 20.45
N HIS A 72 0.25 -10.19 19.84
CA HIS A 72 1.61 -10.28 20.38
C HIS A 72 2.44 -9.22 19.67
N LYS A 73 3.66 -9.02 20.17
CA LYS A 73 4.49 -7.94 19.65
C LYS A 73 5.81 -8.45 19.07
N ASN A 74 5.82 -9.65 18.47
CA ASN A 74 7.00 -10.06 17.72
C ASN A 74 6.67 -10.16 16.24
N ASN A 75 6.10 -9.09 15.70
CA ASN A 75 5.74 -9.02 14.30
C ASN A 75 6.79 -8.35 13.44
N GLU A 76 7.85 -7.83 14.03
CA GLU A 76 8.77 -6.99 13.30
C GLU A 76 10.18 -7.57 13.29
N ARG A 77 10.81 -7.56 12.14
CA ARG A 77 12.19 -8.00 12.00
C ARG A 77 13.01 -6.91 11.36
N LEU A 78 14.31 -6.93 11.63
CA LEU A 78 15.27 -6.01 11.01
C LEU A 78 16.01 -6.78 9.92
N LEU A 79 15.73 -6.43 8.66
CA LEU A 79 16.20 -7.19 7.51
C LEU A 79 16.95 -6.29 6.54
N PHE A 80 17.59 -6.90 5.53
CA PHE A 80 18.40 -6.18 4.56
C PHE A 80 17.73 -6.17 3.19
N HIS A 81 18.06 -5.14 2.40
CA HIS A 81 17.57 -5.04 1.03
C HIS A 81 18.65 -4.38 0.18
N GLY A 82 19.26 -5.15 -0.72
CA GLY A 82 20.20 -4.56 -1.69
C GLY A 82 19.44 -3.98 -2.86
N THR A 83 19.92 -2.83 -3.36
CA THR A 83 19.32 -2.25 -4.56
C THR A 83 20.36 -1.45 -5.35
N ASP A 84 19.99 -1.09 -6.57
CA ASP A 84 20.82 -0.28 -7.44
C ASP A 84 20.75 1.19 -7.06
N ALA A 85 21.82 1.92 -7.37
CA ALA A 85 21.88 3.35 -7.05
C ALA A 85 20.71 4.13 -7.64
N ASP A 86 20.18 3.69 -8.78
CA ASP A 86 19.10 4.42 -9.42
C ASP A 86 17.79 4.34 -8.64
N SER A 87 17.62 3.30 -7.81
CA SER A 87 16.41 3.14 -7.01
C SER A 87 16.46 3.89 -5.69
N VAL A 88 17.65 4.30 -5.24
CA VAL A 88 17.80 4.87 -3.90
C VAL A 88 16.95 6.14 -3.71
N PRO A 89 16.92 7.09 -4.64
CA PRO A 89 16.09 8.28 -4.39
C PRO A 89 14.61 7.95 -4.18
N TYR A 90 14.08 7.00 -4.95
CA TYR A 90 12.68 6.64 -4.77
C TYR A 90 12.45 5.95 -3.42
N VAL A 91 13.31 5.01 -3.05
CA VAL A 91 13.08 4.27 -1.80
C VAL A 91 13.18 5.22 -0.60
N ASN A 92 14.12 6.18 -0.65
CA ASN A 92 14.28 7.11 0.46
C ASN A 92 13.01 7.90 0.70
N GLN A 93 12.33 8.30 -0.36
CA GLN A 93 11.13 9.11 -0.28
C GLN A 93 9.86 8.27 -0.16
N HIS A 94 9.78 7.15 -0.90
CA HIS A 94 8.51 6.45 -1.03
C HIS A 94 8.52 5.02 -0.52
N GLY A 95 9.66 4.48 -0.11
CA GLY A 95 9.68 3.12 0.40
C GLY A 95 9.74 2.08 -0.70
N PHE A 96 9.40 0.85 -0.35
CA PHE A 96 9.48 -0.27 -1.28
C PHE A 96 8.14 -0.49 -1.98
N ASN A 97 8.16 -0.44 -3.31
CA ASN A 97 6.96 -0.58 -4.14
C ASN A 97 7.03 -1.93 -4.83
N ARG A 98 6.11 -2.82 -4.45
CA ARG A 98 6.11 -4.15 -5.04
C ARG A 98 5.97 -4.10 -6.57
N SER A 99 5.36 -3.03 -7.09
CA SER A 99 5.14 -2.97 -8.53
C SER A 99 6.42 -2.70 -9.31
N CYS A 100 7.49 -2.34 -8.60
CA CYS A 100 8.79 -2.12 -9.23
C CYS A 100 9.78 -3.24 -8.98
N ALA A 101 9.48 -4.17 -8.07
CA ALA A 101 10.44 -5.20 -7.68
C ALA A 101 10.81 -6.08 -8.87
N GLY A 102 12.09 -6.43 -8.98
CA GLY A 102 12.49 -7.41 -9.96
C GLY A 102 12.08 -8.80 -9.53
N LYS A 103 12.15 -9.74 -10.47
CA LYS A 103 11.91 -11.14 -10.14
C LYS A 103 13.12 -11.70 -9.42
N ASN A 104 12.88 -12.37 -8.30
CA ASN A 104 13.93 -13.05 -7.56
C ASN A 104 14.27 -14.38 -8.24
N ALA A 105 15.54 -14.78 -8.12
CA ALA A 105 15.99 -15.98 -8.82
C ALA A 105 15.35 -17.25 -8.24
N VAL A 106 14.95 -17.23 -6.97
CA VAL A 106 14.02 -18.22 -6.44
C VAL A 106 12.80 -17.44 -5.96
N SER A 107 11.72 -17.47 -6.73
CA SER A 107 10.59 -16.62 -6.43
C SER A 107 9.61 -17.32 -5.49
N TYR A 108 9.34 -16.68 -4.36
CA TYR A 108 8.30 -17.13 -3.41
C TYR A 108 7.11 -16.20 -3.43
N GLY A 109 6.97 -15.40 -4.47
CA GLY A 109 5.82 -14.54 -4.67
C GLY A 109 6.23 -13.23 -5.31
N LYS A 110 5.24 -12.53 -5.85
CA LYS A 110 5.47 -11.24 -6.51
C LYS A 110 5.33 -10.13 -5.48
N GLY A 111 6.43 -9.82 -4.81
CA GLY A 111 6.44 -8.77 -3.82
C GLY A 111 7.84 -8.27 -3.59
N THR A 112 8.01 -7.52 -2.50
CA THR A 112 9.33 -6.99 -2.17
C THR A 112 10.05 -7.95 -1.23
N TYR A 113 11.31 -8.24 -1.57
CA TYR A 113 12.11 -9.24 -0.89
C TYR A 113 13.06 -8.58 0.10
N PHE A 114 13.15 -9.18 1.29
CA PHE A 114 14.07 -8.75 2.33
C PHE A 114 14.86 -9.95 2.85
N ALA A 115 16.15 -9.73 3.13
CA ALA A 115 17.06 -10.81 3.48
C ALA A 115 17.45 -10.76 4.96
N VAL A 116 17.63 -11.95 5.55
CA VAL A 116 18.10 -12.04 6.93
C VAL A 116 19.59 -11.72 7.02
N ASP A 117 20.39 -12.26 6.10
CA ASP A 117 21.83 -12.04 6.06
C ASP A 117 22.17 -10.96 5.05
N ALA A 118 23.03 -10.01 5.47
CA ALA A 118 23.51 -8.99 4.56
C ALA A 118 24.25 -9.60 3.38
N SER A 119 24.93 -10.72 3.61
CA SER A 119 25.62 -11.42 2.53
C SER A 119 24.70 -11.70 1.35
N TYR A 120 23.40 -11.92 1.60
CA TYR A 120 22.49 -12.17 0.47
C TYR A 120 22.28 -10.89 -0.33
N SER A 121 21.90 -9.80 0.34
CA SER A 121 21.71 -8.52 -0.33
C SER A 121 23.02 -7.93 -0.88
N ALA A 122 24.18 -8.43 -0.46
CA ALA A 122 25.45 -7.90 -0.94
C ALA A 122 25.77 -8.38 -2.35
N LYS A 123 25.05 -9.37 -2.83
CA LYS A 123 25.28 -9.88 -4.17
C LYS A 123 25.09 -8.76 -5.19
N ASP A 124 25.95 -8.75 -6.21
CA ASP A 124 25.85 -7.73 -7.26
C ASP A 124 24.50 -7.78 -7.96
N THR A 125 23.77 -8.90 -7.87
CA THR A 125 22.43 -8.96 -8.45
C THR A 125 21.51 -7.93 -7.83
N TYR A 126 21.63 -7.74 -6.53
CA TYR A 126 20.77 -6.85 -5.77
C TYR A 126 21.42 -5.49 -5.61
N SER A 127 22.50 -5.42 -4.84
CA SER A 127 23.18 -4.15 -4.60
C SER A 127 24.18 -3.93 -5.74
N LYS A 128 23.65 -3.53 -6.88
CA LYS A 128 24.45 -3.42 -8.10
C LYS A 128 25.48 -2.31 -7.97
N PRO A 129 26.77 -2.59 -8.13
CA PRO A 129 27.77 -1.51 -8.01
C PRO A 129 27.49 -0.42 -9.03
N ASP A 130 27.62 0.84 -8.60
CA ASP A 130 27.49 1.92 -9.55
C ASP A 130 28.84 2.14 -10.26
N SER A 131 28.90 3.18 -11.10
CA SER A 131 30.11 3.41 -11.87
C SER A 131 31.31 3.83 -11.02
N ASN A 132 31.10 4.08 -9.72
CA ASN A 132 32.20 4.36 -8.81
C ASN A 132 32.49 3.21 -7.87
N GLY A 133 31.90 2.04 -8.12
CA GLY A 133 32.13 0.88 -7.27
C GLY A 133 31.29 0.84 -6.01
N ARG A 134 30.33 1.75 -5.85
CA ARG A 134 29.58 1.83 -4.62
C ARG A 134 28.38 0.88 -4.69
N LYS A 135 28.16 0.14 -3.60
CA LYS A 135 27.01 -0.73 -3.48
C LYS A 135 26.12 -0.23 -2.35
N HIS A 136 24.81 -0.48 -2.47
CA HIS A 136 23.82 0.13 -1.60
C HIS A 136 22.88 -0.91 -1.01
N MET A 137 22.74 -0.88 0.30
CA MET A 137 21.93 -1.87 1.02
C MET A 137 21.15 -1.15 2.11
N TYR A 138 19.82 -1.31 2.09
CA TYR A 138 19.00 -0.77 3.16
C TYR A 138 18.93 -1.76 4.32
N VAL A 139 18.78 -1.18 5.50
CA VAL A 139 18.40 -1.93 6.70
C VAL A 139 16.97 -1.50 7.00
N VAL A 140 16.07 -2.47 7.14
CA VAL A 140 14.65 -2.23 7.02
C VAL A 140 13.93 -2.84 8.20
N ARG A 141 13.07 -2.07 8.87
CA ARG A 141 12.07 -2.66 9.75
C ARG A 141 10.95 -3.28 8.90
N VAL A 142 10.70 -4.57 9.07
CA VAL A 142 9.77 -5.30 8.18
C VAL A 142 8.71 -5.99 9.01
N LEU A 143 7.44 -5.71 8.73
CA LEU A 143 6.38 -6.37 9.49
C LEU A 143 6.12 -7.76 8.92
N THR A 144 6.89 -8.76 9.39
CA THR A 144 6.79 -10.12 8.90
C THR A 144 5.60 -10.88 9.49
N GLY A 145 5.20 -10.54 10.71
CA GLY A 145 4.00 -11.11 11.30
C GLY A 145 4.04 -12.62 11.34
N VAL A 146 2.88 -13.22 11.03
CA VAL A 146 2.76 -14.66 10.90
C VAL A 146 3.01 -15.02 9.45
N PHE A 147 3.93 -15.95 9.23
CA PHE A 147 4.37 -16.22 7.86
C PHE A 147 4.27 -17.72 7.56
N THR A 148 4.38 -18.03 6.28
CA THR A 148 4.34 -19.38 5.75
C THR A 148 5.21 -19.42 4.51
N LYS A 149 5.51 -20.61 4.00
CA LYS A 149 6.34 -20.74 2.81
C LYS A 149 5.59 -20.21 1.59
N GLY A 150 6.20 -19.25 0.90
CA GLY A 150 5.57 -18.66 -0.28
C GLY A 150 5.53 -19.56 -1.49
N ARG A 151 4.90 -19.05 -2.55
CA ARG A 151 4.82 -19.68 -3.86
C ARG A 151 4.93 -18.60 -4.91
N ALA A 152 5.52 -18.93 -6.05
CA ALA A 152 5.82 -17.93 -7.05
C ALA A 152 4.56 -17.21 -7.56
N GLY A 153 3.40 -17.87 -7.53
CA GLY A 153 2.20 -17.23 -8.05
C GLY A 153 1.57 -16.16 -7.16
N LEU A 154 2.06 -15.97 -5.93
CA LEU A 154 1.39 -15.08 -5.00
C LEU A 154 1.48 -13.63 -5.43
N VAL A 155 0.35 -12.93 -5.36
CA VAL A 155 0.34 -11.48 -5.43
C VAL A 155 -0.09 -10.85 -4.12
N THR A 156 -0.69 -11.63 -3.22
CA THR A 156 -0.91 -11.26 -1.83
C THR A 156 -0.48 -12.47 -1.01
N PRO A 157 -0.25 -12.31 0.29
CA PRO A 157 0.00 -13.49 1.11
C PRO A 157 -1.20 -14.41 1.06
N PRO A 158 -1.00 -15.70 1.27
CA PRO A 158 -2.11 -16.65 1.15
C PRO A 158 -2.96 -16.65 2.41
N PRO A 159 -4.18 -17.19 2.33
CA PRO A 159 -4.99 -17.31 3.55
C PRO A 159 -4.42 -18.35 4.47
N LYS A 160 -4.66 -18.16 5.78
CA LYS A 160 -4.31 -19.20 6.74
C LYS A 160 -5.24 -20.39 6.63
N ASN A 161 -6.42 -20.14 6.13
CA ASN A 161 -7.48 -21.14 6.18
C ASN A 161 -8.25 -21.02 4.90
N PRO A 162 -8.30 -22.08 4.09
CA PRO A 162 -8.91 -21.97 2.75
C PRO A 162 -10.37 -21.61 2.78
N HIS A 163 -11.07 -21.86 3.88
CA HIS A 163 -12.48 -21.55 3.97
C HIS A 163 -12.73 -20.16 4.53
N ASN A 164 -11.67 -19.38 4.75
CA ASN A 164 -11.80 -17.96 5.12
C ASN A 164 -10.74 -17.17 4.37
N PRO A 165 -10.93 -16.97 3.06
CA PRO A 165 -9.82 -16.51 2.20
C PRO A 165 -9.34 -15.09 2.45
N THR A 166 -10.06 -14.25 3.19
CA THR A 166 -9.56 -12.89 3.40
C THR A 166 -8.73 -12.74 4.67
N ASP A 167 -8.54 -13.80 5.46
CA ASP A 167 -7.77 -13.72 6.70
C ASP A 167 -6.37 -14.24 6.38
N LEU A 168 -5.44 -13.32 6.13
CA LEU A 168 -4.19 -13.59 5.44
C LEU A 168 -3.01 -13.71 6.40
N PHE A 169 -2.05 -14.54 6.00
CA PHE A 169 -0.70 -14.45 6.55
C PHE A 169 -0.16 -13.03 6.32
N ASP A 170 0.80 -12.62 7.16
CA ASP A 170 1.31 -11.26 7.03
C ASP A 170 2.41 -11.17 5.99
N SER A 171 3.17 -12.24 5.81
CA SER A 171 4.25 -12.27 4.82
C SER A 171 4.48 -13.73 4.45
N VAL A 172 5.37 -13.97 3.50
CA VAL A 172 5.79 -15.34 3.22
C VAL A 172 7.32 -15.42 3.27
N THR A 173 7.82 -16.66 3.40
CA THR A 173 9.25 -16.90 3.49
C THR A 173 9.65 -18.03 2.54
N ASN A 174 10.97 -18.28 2.50
CA ASN A 174 11.49 -19.40 1.70
C ASN A 174 11.47 -20.71 2.47
N ASN A 175 11.53 -20.64 3.80
CA ASN A 175 11.61 -21.82 4.68
C ASN A 175 11.16 -21.36 6.06
N THR A 176 10.09 -21.97 6.59
CA THR A 176 9.55 -21.53 7.87
C THR A 176 10.41 -21.97 9.04
N ARG A 177 11.11 -23.10 8.89
CA ARG A 177 12.03 -23.55 9.92
C ARG A 177 13.31 -22.71 9.96
N SER A 178 13.87 -22.37 8.80
CA SER A 178 15.12 -21.61 8.72
C SER A 178 14.96 -20.46 7.74
N PRO A 179 14.32 -19.36 8.17
CA PRO A 179 13.98 -18.29 7.23
C PRO A 179 15.23 -17.52 6.82
N LYS A 180 15.41 -17.37 5.51
CA LYS A 180 16.48 -16.54 4.98
C LYS A 180 15.98 -15.34 4.18
N LEU A 181 14.76 -15.39 3.63
CA LEU A 181 14.17 -14.24 2.98
C LEU A 181 12.68 -14.16 3.36
N PHE A 182 12.16 -12.95 3.30
CA PHE A 182 10.75 -12.66 3.53
C PHE A 182 10.22 -11.80 2.39
N VAL A 183 8.96 -12.03 2.01
CA VAL A 183 8.33 -11.29 0.94
C VAL A 183 7.11 -10.59 1.52
N VAL A 184 7.01 -9.28 1.31
CA VAL A 184 5.81 -8.54 1.75
C VAL A 184 5.12 -7.99 0.51
N PHE A 185 3.78 -7.93 0.58
CA PHE A 185 2.96 -7.61 -0.58
C PHE A 185 2.15 -6.33 -0.43
N PHE A 186 2.42 -5.50 0.59
CA PHE A 186 1.65 -4.28 0.82
C PHE A 186 2.57 -3.11 1.08
N ASP A 187 2.13 -1.92 0.65
CA ASP A 187 2.86 -0.68 0.95
C ASP A 187 2.86 -0.44 2.45
N ASN A 188 3.92 0.21 2.93
CA ASN A 188 3.99 0.63 4.33
C ASN A 188 4.04 -0.55 5.31
N GLN A 189 4.41 -1.74 4.84
CA GLN A 189 4.74 -2.87 5.71
C GLN A 189 6.23 -2.97 5.96
N ALA A 190 7.02 -2.04 5.41
CA ALA A 190 8.46 -2.04 5.56
C ALA A 190 8.91 -0.59 5.61
N TYR A 191 9.71 -0.23 6.63
CA TYR A 191 10.23 1.12 6.74
C TYR A 191 11.73 1.06 6.53
N PRO A 192 12.27 1.76 5.50
CA PRO A 192 13.72 1.80 5.29
C PRO A 192 14.38 2.70 6.32
N GLU A 193 15.18 2.12 7.22
CA GLU A 193 15.66 2.82 8.39
C GLU A 193 17.10 3.30 8.23
N TYR A 194 17.94 2.51 7.58
CA TYR A 194 19.32 2.91 7.34
C TYR A 194 19.71 2.55 5.93
N LEU A 195 20.56 3.37 5.35
CA LEU A 195 21.16 3.08 4.05
C LEU A 195 22.66 2.90 4.23
N ILE A 196 23.16 1.70 3.92
CA ILE A 196 24.58 1.39 3.98
C ILE A 196 25.16 1.56 2.58
N THR A 197 26.15 2.44 2.45
CA THR A 197 26.95 2.53 1.23
C THR A 197 28.26 1.80 1.50
N PHE A 198 28.62 0.87 0.62
CA PHE A 198 29.82 0.10 0.87
C PHE A 198 30.49 -0.22 -0.45
N THR A 199 31.68 -0.81 -0.36
CA THR A 199 32.54 -1.09 -1.51
C THR A 199 33.29 -2.37 -1.23
N ALA A 200 33.83 -2.96 -2.29
CA ALA A 200 34.73 -4.10 -2.13
C ALA A 200 36.05 -3.62 -1.52
N HIS B 1 -9.34 8.18 18.07
CA HIS B 1 -8.75 6.87 18.32
C HIS B 1 -8.24 6.24 17.04
N HIS B 2 -9.15 5.57 16.33
CA HIS B 2 -9.04 5.41 14.89
C HIS B 2 -9.63 6.60 14.15
N ASN B 3 -10.06 7.64 14.85
CA ASN B 3 -10.70 8.81 14.25
C ASN B 3 -11.93 8.42 13.43
N LEU B 4 -12.71 7.49 13.97
CA LEU B 4 -13.85 6.94 13.25
C LEU B 4 -14.96 7.98 13.09
N PRO B 5 -15.68 7.96 11.96
CA PRO B 5 -16.68 9.00 11.70
C PRO B 5 -17.86 8.92 12.65
N GLU B 6 -18.55 10.06 12.78
CA GLU B 6 -19.66 10.16 13.74
C GLU B 6 -20.86 9.32 13.30
N HIS B 7 -21.06 9.16 11.99
CA HIS B 7 -22.22 8.46 11.49
C HIS B 7 -22.08 6.94 11.55
N TRP B 8 -20.93 6.40 11.94
CA TRP B 8 -20.83 4.97 12.13
C TRP B 8 -21.61 4.55 13.37
N THR B 9 -22.07 3.31 13.36
CA THR B 9 -22.80 2.75 14.49
C THR B 9 -21.87 1.93 15.37
N ASP B 10 -22.34 1.65 16.59
CA ASP B 10 -21.54 0.92 17.57
C ASP B 10 -21.24 -0.49 17.09
N MET B 11 -20.00 -0.92 17.32
CA MET B 11 -19.54 -2.22 16.84
C MET B 11 -19.17 -3.17 17.98
N ASN B 12 -19.61 -2.90 19.20
CA ASN B 12 -19.38 -3.81 20.33
C ASN B 12 -17.90 -4.13 20.48
N HIS B 13 -17.07 -3.10 20.35
CA HIS B 13 -15.62 -3.16 20.47
C HIS B 13 -14.96 -3.93 19.33
N GLN B 14 -15.69 -4.25 18.27
CA GLN B 14 -15.11 -4.92 17.12
C GLN B 14 -14.61 -3.90 16.09
N LEU B 15 -13.85 -4.39 15.12
CA LEU B 15 -13.10 -3.54 14.20
C LEU B 15 -13.59 -3.59 12.75
N PHE B 16 -14.41 -4.55 12.36
CA PHE B 16 -14.96 -4.55 11.02
C PHE B 16 -16.42 -4.95 11.08
N CYS B 17 -17.28 -4.18 10.42
CA CYS B 17 -18.70 -4.49 10.33
C CYS B 17 -19.27 -3.89 9.06
N MET B 18 -20.13 -4.65 8.40
CA MET B 18 -20.98 -4.16 7.33
C MET B 18 -22.35 -3.85 7.93
N VAL B 19 -22.80 -2.62 7.79
CA VAL B 19 -24.06 -2.17 8.37
C VAL B 19 -25.02 -1.83 7.25
N GLN B 20 -26.13 -2.57 7.17
CA GLN B 20 -27.14 -2.29 6.16
C GLN B 20 -27.92 -1.02 6.50
N LEU B 21 -28.03 -0.14 5.51
CA LEU B 21 -28.67 1.16 5.73
C LEU B 21 -30.18 1.04 5.67
N GLU B 22 -30.84 1.88 6.45
CA GLU B 22 -32.28 1.98 6.52
C GLU B 22 -32.81 2.82 5.37
N PRO B 23 -33.56 2.24 4.43
CA PRO B 23 -34.12 3.05 3.34
C PRO B 23 -35.01 4.17 3.88
N GLY B 24 -34.90 5.35 3.25
CA GLY B 24 -35.67 6.50 3.63
C GLY B 24 -35.03 7.42 4.63
N GLN B 25 -33.98 6.99 5.32
CA GLN B 25 -33.28 7.90 6.21
C GLN B 25 -32.18 8.61 5.44
N SER B 26 -31.68 9.71 6.03
CA SER B 26 -30.90 10.69 5.30
C SER B 26 -29.68 10.06 4.62
N GLU B 27 -28.98 9.17 5.32
CA GLU B 27 -27.76 8.57 4.79
C GLU B 27 -28.04 7.72 3.56
N TYR B 28 -29.03 6.82 3.66
CA TYR B 28 -29.44 6.02 2.51
C TYR B 28 -29.83 6.90 1.33
N ASN B 29 -30.58 7.98 1.61
CA ASN B 29 -31.05 8.86 0.56
C ASN B 29 -29.90 9.55 -0.15
N THR B 30 -28.89 10.01 0.61
CA THR B 30 -27.75 10.69 0.00
C THR B 30 -27.02 9.76 -0.96
N ILE B 31 -26.76 8.53 -0.53
CA ILE B 31 -26.02 7.60 -1.39
C ILE B 31 -26.87 7.19 -2.58
N LYS B 32 -28.16 6.87 -2.37
CA LYS B 32 -29.03 6.47 -3.46
C LYS B 32 -29.14 7.57 -4.52
N ASP B 33 -29.15 8.83 -4.10
CA ASP B 33 -29.23 9.93 -5.06
C ASP B 33 -27.96 10.04 -5.89
N LYS B 34 -26.79 9.83 -5.28
CA LYS B 34 -25.55 9.85 -6.06
C LYS B 34 -25.55 8.74 -7.10
N PHE B 35 -26.09 7.57 -6.75
CA PHE B 35 -26.24 6.46 -7.68
C PHE B 35 -27.25 6.78 -8.78
N THR B 36 -28.47 7.15 -8.38
CA THR B 36 -29.55 7.33 -9.36
C THR B 36 -29.35 8.55 -10.23
N ARG B 37 -28.38 9.43 -9.93
CA ARG B 37 -28.13 10.57 -10.80
C ARG B 37 -27.78 10.10 -12.21
N THR B 38 -27.14 8.95 -12.35
CA THR B 38 -26.86 8.38 -13.68
C THR B 38 -27.40 6.96 -13.85
N CYS B 39 -27.97 6.34 -12.82
CA CYS B 39 -28.44 4.96 -12.92
C CYS B 39 -29.89 4.82 -12.48
N SER B 40 -30.76 5.72 -12.98
CA SER B 40 -32.15 5.70 -12.48
C SER B 40 -32.96 4.51 -12.98
N SER B 41 -32.48 3.77 -13.98
CA SER B 41 -33.21 2.61 -14.47
C SER B 41 -32.85 1.32 -13.76
N TYR B 42 -31.87 1.34 -12.85
CA TYR B 42 -31.48 0.15 -12.12
C TYR B 42 -32.29 0.05 -10.82
N ALA B 43 -32.28 -1.13 -10.23
CA ALA B 43 -33.04 -1.42 -9.01
C ALA B 43 -32.08 -1.75 -7.88
N ILE B 44 -32.11 -0.92 -6.84
CA ILE B 44 -31.22 -1.07 -5.68
C ILE B 44 -31.83 -2.05 -4.69
N GLU B 45 -31.11 -3.14 -4.41
CA GLU B 45 -31.58 -4.10 -3.41
C GLU B 45 -31.21 -3.67 -2.00
N LYS B 46 -30.00 -3.14 -1.81
CA LYS B 46 -29.61 -2.66 -0.49
C LYS B 46 -28.33 -1.86 -0.64
N ILE B 47 -28.05 -1.05 0.39
CA ILE B 47 -26.84 -0.27 0.50
C ILE B 47 -26.26 -0.55 1.87
N GLU B 48 -24.99 -0.92 1.90
CA GLU B 48 -24.31 -1.24 3.15
C GLU B 48 -23.21 -0.23 3.41
N ARG B 49 -23.09 0.21 4.66
CA ARG B 49 -21.97 1.04 5.07
C ARG B 49 -20.84 0.14 5.52
N ILE B 50 -19.66 0.35 4.95
CA ILE B 50 -18.48 -0.46 5.28
C ILE B 50 -17.77 0.22 6.44
N GLN B 51 -17.77 -0.42 7.61
CA GLN B 51 -17.13 0.13 8.81
C GLN B 51 -15.89 -0.71 9.09
N ASN B 52 -14.81 -0.39 8.38
CA ASN B 52 -13.53 -1.07 8.54
C ASN B 52 -12.58 -0.12 9.24
N ALA B 53 -12.32 -0.37 10.52
CA ALA B 53 -11.57 0.59 11.32
C ALA B 53 -10.11 0.69 10.89
N PHE B 54 -9.46 -0.43 10.58
CA PHE B 54 -8.05 -0.38 10.21
C PHE B 54 -7.88 0.26 8.84
N LEU B 55 -8.78 -0.06 7.91
CA LEU B 55 -8.70 0.53 6.58
C LEU B 55 -8.92 2.03 6.65
N TRP B 56 -9.87 2.45 7.51
CA TRP B 56 -10.19 3.86 7.65
C TRP B 56 -9.03 4.62 8.27
N GLN B 57 -8.45 4.08 9.34
CA GLN B 57 -7.32 4.73 9.99
C GLN B 57 -6.18 4.98 8.99
N SER B 58 -5.79 3.94 8.26
CA SER B 58 -4.67 4.07 7.31
C SER B 58 -4.99 5.05 6.20
N TYR B 59 -6.26 5.10 5.76
CA TYR B 59 -6.68 6.06 4.74
C TYR B 59 -6.64 7.49 5.27
N GLN B 60 -7.11 7.72 6.50
CA GLN B 60 -7.11 9.07 7.03
C GLN B 60 -5.68 9.57 7.24
N VAL B 61 -4.74 8.66 7.54
CA VAL B 61 -3.35 9.06 7.68
C VAL B 61 -2.83 9.60 6.37
N LYS B 62 -3.10 8.89 5.28
CA LYS B 62 -2.68 9.33 3.96
C LYS B 62 -3.37 10.64 3.58
N LYS B 63 -4.64 10.80 3.95
CA LYS B 63 -5.34 12.04 3.64
C LYS B 63 -4.69 13.22 4.33
N ARG B 64 -4.37 13.07 5.62
CA ARG B 64 -3.71 14.15 6.34
C ARG B 64 -2.35 14.47 5.73
N GLN B 65 -1.62 13.42 5.31
CA GLN B 65 -0.34 13.62 4.62
C GLN B 65 -0.52 14.37 3.31
N MET B 66 -1.53 13.99 2.52
CA MET B 66 -1.75 14.68 1.26
C MET B 66 -2.21 16.11 1.48
N ASP B 67 -3.04 16.35 2.49
CA ASP B 67 -3.49 17.71 2.76
C ASP B 67 -2.32 18.61 3.12
N ILE B 68 -1.33 18.07 3.84
CA ILE B 68 -0.14 18.85 4.17
C ILE B 68 0.73 19.04 2.93
N LYS B 69 0.92 17.96 2.18
CA LYS B 69 1.79 17.99 1.00
C LYS B 69 1.29 19.01 -0.02
N ASN B 70 -0.01 19.00 -0.29
CA ASN B 70 -0.59 19.90 -1.29
C ASN B 70 -1.09 21.19 -0.68
N ASP B 71 -0.99 21.35 0.65
CA ASP B 71 -1.33 22.59 1.34
C ASP B 71 -2.75 23.05 1.05
N HIS B 72 -3.66 22.10 0.86
CA HIS B 72 -5.08 22.36 0.79
C HIS B 72 -5.80 21.06 1.08
N LYS B 73 -7.08 21.17 1.44
CA LYS B 73 -7.90 20.02 1.82
C LYS B 73 -8.92 19.65 0.74
N ASN B 74 -8.60 19.91 -0.52
CA ASN B 74 -9.48 19.49 -1.61
C ASN B 74 -8.85 18.33 -2.36
N ASN B 75 -8.42 17.30 -1.64
CA ASN B 75 -7.71 16.18 -2.26
C ASN B 75 -8.57 14.94 -2.40
N GLU B 76 -9.79 14.95 -1.89
CA GLU B 76 -10.63 13.77 -1.83
C GLU B 76 -11.79 13.93 -2.81
N ARG B 77 -12.18 12.82 -3.43
CA ARG B 77 -13.35 12.74 -4.31
C ARG B 77 -14.13 11.48 -3.95
N LEU B 78 -15.44 11.51 -4.18
CA LEU B 78 -16.29 10.34 -4.01
C LEU B 78 -16.55 9.73 -5.38
N LEU B 79 -16.07 8.51 -5.59
CA LEU B 79 -16.11 7.86 -6.90
C LEU B 79 -16.76 6.49 -6.77
N PHE B 80 -16.91 5.81 -7.90
CA PHE B 80 -17.59 4.53 -7.97
C PHE B 80 -16.62 3.46 -8.44
N HIS B 81 -16.82 2.24 -7.93
CA HIS B 81 -16.05 1.08 -8.39
C HIS B 81 -16.95 -0.14 -8.46
N GLY B 82 -17.26 -0.58 -9.68
CA GLY B 82 -17.99 -1.84 -9.87
C GLY B 82 -17.03 -3.02 -9.88
N THR B 83 -17.48 -4.13 -9.28
CA THR B 83 -16.65 -5.33 -9.21
C THR B 83 -17.55 -6.55 -9.18
N ASP B 84 -16.93 -7.72 -9.44
CA ASP B 84 -17.63 -8.98 -9.37
C ASP B 84 -17.88 -9.40 -7.92
N ALA B 85 -18.87 -10.28 -7.75
CA ALA B 85 -19.30 -10.69 -6.41
C ALA B 85 -18.17 -11.34 -5.62
N ASP B 86 -17.30 -12.10 -6.29
CA ASP B 86 -16.27 -12.85 -5.58
C ASP B 86 -15.17 -11.96 -5.03
N SER B 87 -15.08 -10.71 -5.47
CA SER B 87 -14.06 -9.79 -4.96
C SER B 87 -14.56 -8.95 -3.79
N VAL B 88 -15.86 -8.98 -3.53
CA VAL B 88 -16.43 -8.13 -2.46
C VAL B 88 -15.85 -8.46 -1.09
N PRO B 89 -15.72 -9.74 -0.67
CA PRO B 89 -15.11 -9.97 0.65
C PRO B 89 -13.71 -9.39 0.79
N TYR B 90 -12.88 -9.47 -0.26
CA TYR B 90 -11.54 -8.91 -0.16
C TYR B 90 -11.60 -7.39 -0.05
N VAL B 91 -12.40 -6.74 -0.89
CA VAL B 91 -12.45 -5.28 -0.87
C VAL B 91 -12.96 -4.79 0.48
N ASN B 92 -13.96 -5.48 1.05
CA ASN B 92 -14.52 -5.05 2.33
C ASN B 92 -13.47 -5.06 3.43
N GLN B 93 -12.66 -6.10 3.48
CA GLN B 93 -11.65 -6.27 4.51
C GLN B 93 -10.35 -5.53 4.20
N HIS B 94 -9.98 -5.43 2.91
CA HIS B 94 -8.64 -5.02 2.51
C HIS B 94 -8.58 -3.85 1.54
N GLY B 95 -9.71 -3.35 1.05
CA GLY B 95 -9.63 -2.25 0.10
C GLY B 95 -9.24 -2.71 -1.30
N PHE B 96 -8.68 -1.78 -2.06
CA PHE B 96 -8.41 -1.97 -3.48
C PHE B 96 -6.92 -2.22 -3.70
N ASN B 97 -6.60 -3.32 -4.39
CA ASN B 97 -5.22 -3.78 -4.53
C ASN B 97 -4.86 -3.75 -6.01
N ARG B 98 -3.91 -2.89 -6.38
CA ARG B 98 -3.51 -2.77 -7.78
C ARG B 98 -2.96 -4.08 -8.36
N SER B 99 -2.58 -5.02 -7.50
CA SER B 99 -1.88 -6.21 -7.93
C SER B 99 -2.81 -7.36 -8.32
N CYS B 100 -4.11 -7.23 -8.08
CA CYS B 100 -4.96 -8.41 -8.16
C CYS B 100 -5.32 -8.73 -9.60
N ALA B 101 -5.80 -9.95 -9.79
CA ALA B 101 -6.17 -10.43 -11.12
C ALA B 101 -7.24 -9.54 -11.73
N GLY B 102 -7.25 -9.49 -13.06
CA GLY B 102 -8.21 -8.69 -13.76
C GLY B 102 -8.03 -8.80 -15.27
N LYS B 103 -9.12 -8.97 -15.99
CA LYS B 103 -9.05 -8.97 -17.45
C LYS B 103 -9.18 -7.58 -18.04
N ASN B 104 -9.65 -6.61 -17.27
CA ASN B 104 -9.92 -5.29 -17.79
C ASN B 104 -8.62 -4.56 -18.15
N ALA B 105 -8.72 -3.64 -19.10
CA ALA B 105 -7.54 -3.01 -19.66
C ALA B 105 -7.01 -1.90 -18.76
N VAL B 106 -5.70 -1.72 -18.79
CA VAL B 106 -5.03 -0.77 -17.91
C VAL B 106 -4.45 0.37 -18.75
N SER B 107 -5.30 0.99 -19.57
CA SER B 107 -4.89 1.96 -20.57
C SER B 107 -4.27 3.21 -19.99
N TYR B 108 -4.57 3.53 -18.73
CA TYR B 108 -4.05 4.74 -18.13
C TYR B 108 -3.10 4.44 -16.98
N GLY B 109 -2.61 3.21 -16.91
CA GLY B 109 -1.67 2.85 -15.85
C GLY B 109 -2.12 1.64 -15.04
N LYS B 110 -1.13 1.01 -14.38
CA LYS B 110 -1.37 -0.21 -13.60
C LYS B 110 -1.74 0.17 -12.16
N GLY B 111 -2.94 0.74 -12.03
CA GLY B 111 -3.46 1.07 -10.71
C GLY B 111 -4.89 0.58 -10.53
N THR B 112 -5.63 1.16 -9.59
CA THR B 112 -7.03 0.83 -9.41
C THR B 112 -7.88 1.96 -9.98
N TYR B 113 -8.93 1.58 -10.70
CA TYR B 113 -9.74 2.50 -11.48
C TYR B 113 -11.01 2.85 -10.73
N PHE B 114 -11.38 4.14 -10.77
CA PHE B 114 -12.58 4.65 -10.12
C PHE B 114 -13.30 5.59 -11.08
N ALA B 115 -14.63 5.45 -11.17
CA ALA B 115 -15.43 6.21 -12.13
C ALA B 115 -16.13 7.39 -11.46
N VAL B 116 -16.28 8.47 -12.24
CA VAL B 116 -16.99 9.65 -11.75
C VAL B 116 -18.50 9.40 -11.69
N ASP B 117 -19.06 8.73 -12.70
CA ASP B 117 -20.47 8.42 -12.79
C ASP B 117 -20.72 6.94 -12.49
N ALA B 118 -21.77 6.67 -11.72
CA ALA B 118 -22.14 5.29 -11.43
C ALA B 118 -22.42 4.50 -12.71
N SER B 119 -22.97 5.15 -13.73
CA SER B 119 -23.35 4.46 -14.96
C SER B 119 -22.16 3.81 -15.65
N TYR B 120 -20.95 4.31 -15.38
CA TYR B 120 -19.75 3.71 -15.94
C TYR B 120 -19.43 2.41 -15.21
N SER B 121 -19.46 2.44 -13.88
CA SER B 121 -19.20 1.26 -13.06
C SER B 121 -20.30 0.23 -13.18
N ALA B 122 -21.47 0.63 -13.69
CA ALA B 122 -22.61 -0.28 -13.84
C ALA B 122 -22.48 -1.21 -15.03
N LYS B 123 -21.50 -1.00 -15.90
CA LYS B 123 -21.27 -1.92 -17.00
C LYS B 123 -20.97 -3.32 -16.48
N ASP B 124 -21.45 -4.34 -17.22
CA ASP B 124 -21.26 -5.71 -16.78
C ASP B 124 -19.80 -6.09 -16.71
N THR B 125 -18.95 -5.42 -17.49
CA THR B 125 -17.54 -5.73 -17.47
C THR B 125 -16.89 -5.39 -16.13
N TYR B 126 -17.48 -4.48 -15.36
CA TYR B 126 -16.98 -4.13 -14.03
C TYR B 126 -17.84 -4.75 -12.94
N SER B 127 -19.11 -4.32 -12.81
CA SER B 127 -20.00 -4.94 -11.84
C SER B 127 -20.63 -6.17 -12.50
N LYS B 128 -19.84 -7.25 -12.56
CA LYS B 128 -20.27 -8.44 -13.27
C LYS B 128 -21.48 -9.06 -12.59
N PRO B 129 -22.56 -9.34 -13.32
CA PRO B 129 -23.77 -9.85 -12.68
C PRO B 129 -23.58 -11.24 -12.08
N ASP B 130 -24.33 -11.49 -11.01
CA ASP B 130 -24.29 -12.74 -10.26
C ASP B 130 -24.78 -13.92 -11.09
N SER B 131 -24.48 -15.12 -10.59
CA SER B 131 -25.23 -16.30 -10.97
C SER B 131 -26.72 -16.12 -10.75
N ASN B 132 -27.14 -15.03 -10.08
CA ASN B 132 -28.54 -14.69 -9.87
C ASN B 132 -28.91 -13.31 -10.41
N GLY B 133 -27.99 -12.64 -11.11
CA GLY B 133 -28.27 -11.38 -11.77
C GLY B 133 -28.02 -10.14 -10.95
N ARG B 134 -27.37 -10.25 -9.81
CA ARG B 134 -27.14 -9.10 -8.95
C ARG B 134 -25.76 -8.51 -9.23
N LYS B 135 -25.67 -7.18 -9.14
CA LYS B 135 -24.46 -6.44 -9.45
C LYS B 135 -24.02 -5.64 -8.23
N HIS B 136 -22.71 -5.35 -8.16
CA HIS B 136 -22.10 -4.76 -6.96
C HIS B 136 -21.22 -3.59 -7.35
N MET B 137 -21.42 -2.46 -6.66
CA MET B 137 -20.68 -1.24 -6.91
C MET B 137 -20.33 -0.58 -5.59
N TYR B 138 -19.06 -0.21 -5.42
CA TYR B 138 -18.68 0.54 -4.23
C TYR B 138 -18.77 2.03 -4.50
N VAL B 139 -19.10 2.78 -3.46
CA VAL B 139 -18.91 4.22 -3.41
C VAL B 139 -17.65 4.43 -2.60
N VAL B 140 -16.66 5.11 -3.19
CA VAL B 140 -15.30 5.07 -2.67
C VAL B 140 -14.84 6.51 -2.39
N ARG B 141 -14.29 6.73 -1.20
CA ARG B 141 -13.51 7.95 -0.95
C ARG B 141 -12.13 7.77 -1.55
N VAL B 142 -11.75 8.61 -2.50
CA VAL B 142 -10.49 8.47 -3.23
C VAL B 142 -9.67 9.74 -3.06
N LEU B 143 -8.39 9.56 -2.72
CA LEU B 143 -7.43 10.66 -2.63
C LEU B 143 -6.81 10.91 -4.01
N THR B 144 -7.52 11.71 -4.82
CA THR B 144 -7.06 12.04 -6.16
C THR B 144 -6.04 13.17 -6.15
N GLY B 145 -6.10 14.03 -5.14
CA GLY B 145 -5.15 15.13 -5.01
C GLY B 145 -4.92 15.91 -6.31
N VAL B 146 -3.65 16.09 -6.64
CA VAL B 146 -3.24 16.75 -7.88
C VAL B 146 -3.06 15.64 -8.93
N PHE B 147 -3.73 15.79 -10.06
CA PHE B 147 -3.74 14.72 -11.05
C PHE B 147 -3.28 15.25 -12.40
N THR B 148 -2.93 14.30 -13.28
CA THR B 148 -2.50 14.59 -14.64
C THR B 148 -3.01 13.47 -15.55
N LYS B 149 -2.84 13.64 -16.86
CA LYS B 149 -3.33 12.64 -17.79
C LYS B 149 -2.49 11.37 -17.71
N GLY B 150 -3.15 10.23 -17.59
CA GLY B 150 -2.47 8.96 -17.54
C GLY B 150 -2.12 8.43 -18.92
N ARG B 151 -1.47 7.27 -18.92
CA ARG B 151 -1.02 6.62 -20.14
C ARG B 151 -0.60 5.20 -19.79
N ALA B 152 -0.56 4.35 -20.81
CA ALA B 152 -0.30 2.92 -20.58
C ALA B 152 1.09 2.72 -19.98
N GLY B 153 1.21 1.72 -19.11
CA GLY B 153 2.49 1.32 -18.57
C GLY B 153 2.90 2.03 -17.29
N LEU B 154 2.20 3.06 -16.87
CA LEU B 154 2.54 3.68 -15.59
C LEU B 154 2.41 2.67 -14.46
N VAL B 155 3.42 2.62 -13.59
CA VAL B 155 3.31 1.88 -12.34
C VAL B 155 3.14 2.80 -11.14
N THR B 156 3.46 4.10 -11.27
CA THR B 156 3.14 5.14 -10.29
C THR B 156 2.67 6.33 -11.14
N PRO B 157 2.12 7.38 -10.55
CA PRO B 157 1.84 8.57 -11.34
C PRO B 157 3.16 9.21 -11.74
N PRO B 158 3.17 9.98 -12.83
CA PRO B 158 4.42 10.57 -13.27
C PRO B 158 4.85 11.68 -12.33
N PRO B 159 6.12 12.06 -12.35
CA PRO B 159 6.54 13.22 -11.56
C PRO B 159 5.92 14.51 -12.07
N LYS B 160 5.82 15.48 -11.18
CA LYS B 160 5.32 16.79 -11.59
C LYS B 160 6.39 17.66 -12.23
N ASN B 161 7.66 17.22 -12.25
CA ASN B 161 8.76 17.90 -12.90
C ASN B 161 9.91 16.92 -13.09
N PRO B 162 10.44 16.77 -14.31
CA PRO B 162 11.58 15.85 -14.52
C PRO B 162 12.77 16.10 -13.60
N HIS B 163 13.04 17.35 -13.20
CA HIS B 163 14.21 17.64 -12.39
C HIS B 163 14.07 17.14 -10.96
N ASN B 164 12.86 16.85 -10.50
CA ASN B 164 12.60 16.29 -9.17
C ASN B 164 11.74 15.04 -9.37
N PRO B 165 12.35 13.92 -9.74
CA PRO B 165 11.57 12.75 -10.16
C PRO B 165 10.84 12.03 -9.03
N THR B 166 11.03 12.42 -7.77
CA THR B 166 10.30 11.78 -6.68
C THR B 166 9.09 12.56 -6.22
N ASP B 167 8.88 13.77 -6.73
CA ASP B 167 7.69 14.56 -6.38
C ASP B 167 6.60 14.23 -7.39
N LEU B 168 5.70 13.32 -7.02
CA LEU B 168 4.77 12.70 -7.95
C LEU B 168 3.40 13.35 -7.89
N PHE B 169 2.66 13.24 -9.01
CA PHE B 169 1.22 13.48 -8.97
C PHE B 169 0.56 12.47 -8.04
N ASP B 170 -0.63 12.81 -7.52
CA ASP B 170 -1.29 11.87 -6.62
C ASP B 170 -2.11 10.83 -7.37
N SER B 171 -2.61 11.17 -8.55
CA SER B 171 -3.37 10.22 -9.36
C SER B 171 -3.28 10.62 -10.83
N VAL B 172 -3.80 9.77 -11.70
CA VAL B 172 -3.95 10.12 -13.10
C VAL B 172 -5.42 9.96 -13.51
N THR B 173 -5.73 10.51 -14.67
CA THR B 173 -7.10 10.54 -15.17
C THR B 173 -7.06 10.42 -16.69
N ASN B 174 -8.23 10.13 -17.27
CA ASN B 174 -8.32 10.06 -18.73
C ASN B 174 -8.37 11.43 -19.38
N ASN B 175 -8.81 12.46 -18.65
CA ASN B 175 -9.02 13.78 -19.23
C ASN B 175 -9.02 14.79 -18.10
N THR B 176 -8.02 15.68 -18.10
CA THR B 176 -7.83 16.58 -16.96
C THR B 176 -8.88 17.67 -16.92
N ARG B 177 -9.33 18.15 -18.09
CA ARG B 177 -10.39 19.16 -18.11
C ARG B 177 -11.72 18.59 -17.63
N SER B 178 -12.11 17.41 -18.12
CA SER B 178 -13.40 16.79 -17.80
C SER B 178 -13.19 15.31 -17.47
N PRO B 179 -12.78 15.01 -16.24
CA PRO B 179 -12.40 13.63 -15.91
C PRO B 179 -13.61 12.69 -15.83
N LYS B 180 -13.42 11.48 -16.31
CA LYS B 180 -14.41 10.43 -16.14
C LYS B 180 -13.93 9.26 -15.30
N LEU B 181 -12.62 9.04 -15.23
CA LEU B 181 -12.04 7.99 -14.40
C LEU B 181 -10.75 8.53 -13.78
N PHE B 182 -10.46 8.05 -12.58
CA PHE B 182 -9.19 8.30 -11.91
C PHE B 182 -8.52 6.95 -11.59
N VAL B 183 -7.19 6.95 -11.61
CA VAL B 183 -6.39 5.77 -11.30
C VAL B 183 -5.45 6.15 -10.16
N VAL B 184 -5.47 5.37 -9.07
CA VAL B 184 -4.50 5.55 -8.00
C VAL B 184 -3.61 4.32 -7.95
N PHE B 185 -2.37 4.50 -7.46
CA PHE B 185 -1.33 3.48 -7.59
C PHE B 185 -0.81 2.98 -6.25
N PHE B 186 -1.44 3.33 -5.12
CA PHE B 186 -0.94 2.94 -3.81
C PHE B 186 -2.09 2.48 -2.93
N ASP B 187 -1.76 1.55 -2.02
CA ASP B 187 -2.70 1.09 -1.01
C ASP B 187 -3.13 2.25 -0.13
N ASN B 188 -4.32 2.13 0.43
CA ASN B 188 -4.83 3.12 1.38
C ASN B 188 -4.96 4.53 0.78
N GLN B 189 -5.01 4.63 -0.55
CA GLN B 189 -5.43 5.85 -1.21
C GLN B 189 -6.91 5.84 -1.55
N ALA B 190 -7.64 4.80 -1.18
CA ALA B 190 -9.05 4.66 -1.57
C ALA B 190 -9.75 3.88 -0.48
N TYR B 191 -10.76 4.49 0.15
CA TYR B 191 -11.52 3.80 1.17
C TYR B 191 -12.90 3.43 0.64
N PRO B 192 -13.29 2.13 0.67
CA PRO B 192 -14.63 1.70 0.23
C PRO B 192 -15.67 1.99 1.30
N GLU B 193 -16.54 2.96 1.02
CA GLU B 193 -17.37 3.52 2.09
C GLU B 193 -18.77 2.94 2.11
N TYR B 194 -19.33 2.64 0.93
CA TYR B 194 -20.62 1.97 0.81
C TYR B 194 -20.55 0.96 -0.31
N LEU B 195 -21.26 -0.16 -0.12
CA LEU B 195 -21.49 -1.18 -1.13
C LEU B 195 -22.95 -1.12 -1.56
N ILE B 196 -23.17 -0.91 -2.86
CA ILE B 196 -24.49 -0.91 -3.46
C ILE B 196 -24.71 -2.24 -4.16
N THR B 197 -25.73 -2.99 -3.72
CA THR B 197 -26.17 -4.20 -4.41
C THR B 197 -27.40 -3.85 -5.24
N PHE B 198 -27.37 -4.17 -6.53
CA PHE B 198 -28.40 -3.70 -7.44
C PHE B 198 -28.57 -4.64 -8.62
N THR B 199 -29.64 -4.40 -9.39
CA THR B 199 -29.96 -5.18 -10.58
C THR B 199 -30.33 -4.23 -11.72
N ALA B 200 -30.23 -4.73 -12.94
CA ALA B 200 -30.50 -3.89 -14.11
C ALA B 200 -32.00 -3.86 -14.45
CAM 3JD C . -6.95 -5.65 -14.87
CAK 3JD C . -5.61 -6.28 -14.73
CAL 3JD C . -5.31 -6.70 -13.29
NAP 3JD C . -5.54 -5.62 -12.29
CAN 3JD C . -6.85 -4.96 -12.51
CAW 3JD C . -6.95 -4.47 -13.97
CAR 3JD C . -8.16 -3.49 -14.16
CAF 3JD C . -9.35 -3.67 -13.48
CAH 3JD C . -10.38 -2.75 -13.67
CAE 3JD C . -7.99 -2.41 -15.00
CAG 3JD C . -9.02 -1.50 -15.20
CAS 3JD C . -10.22 -1.68 -14.54
NAX 3JD C . -11.26 -0.69 -14.72
CAJ 3JD C . -11.34 0.26 -15.65
NAO 3JD C . -12.27 -0.58 -13.87
CAV 3JD C . -13.07 0.45 -14.23
CAU 3JD C . -12.54 1.03 -15.38
CAI 3JD C . -13.22 2.13 -15.95
CAC 3JD C . -14.40 2.63 -15.38
CAD 3JD C . -14.93 2.03 -14.23
CAT 3JD C . -14.26 0.95 -13.66
CAQ 3JD C . -14.81 0.27 -12.43
OAB 3JD C . -14.33 -0.74 -12.01
NAA 3JD C . -15.95 0.89 -11.80
#